data_2YKL
#
_entry.id   2YKL
#
_cell.length_a   74.240
_cell.length_b   78.840
_cell.length_c   73.690
_cell.angle_alpha   90.00
_cell.angle_beta   116.10
_cell.angle_gamma   90.00
#
_symmetry.space_group_name_H-M   'C 1 2 1'
#
loop_
_entity.id
_entity.type
_entity.pdbx_description
1 polymer 'FAB FRAGMENT, HEAVY CHAIN'
2 polymer 'FAB FRAGMENT, LIGHT CHAIN'
3 non-polymer NICOTINE-11-YL-METHYL-(4-ETHYLAMINO-4-OXO)-BUTANOATE
4 water water
#
loop_
_entity_poly.entity_id
_entity_poly.type
_entity_poly.pdbx_seq_one_letter_code
_entity_poly.pdbx_strand_id
1 'polypeptide(L)'
;QMQLLESGPGLVKPSETLSLTCTVSGGSIWGWIRQPPGKGLEWIGSIYSSGSTYYNPSLKSRVTTSVDTSKNQFSLRLSS
VTAADTAVYYCVAWFGDLLSLKGVELWGQGTLVTVSSASTKGPSVFPLAPCSRSTSESTAALGCLVKDYFPEPVTVSWNS
GALTSGVHTFPAVLQSSGLYSLSSVVTVPSSNFGTQTYTCNVDHKPSNTKVD
;
H
2 'polypeptide(L)'
;QSELTQPPSASGTPGQRVTISCSGSSSNIGSNYVYWYQQLPGTAPKLLIYRNNQRPSGVPDRFSGSKSGTSASLAISGLR
SEDEADYYCAAWDDSLSAWVFGGGTQLDILGQPKAAPSVTLFPPSSEELQANKATLVCLISDFYPGAVTVAWKADSSPVK
AGVETTTPSKQSNNKYAASSYLSLTPEQWKSHRSYSCQVTHEGSTVEKTVAPTECS
;
L
#
# COMPACT_ATOMS: atom_id res chain seq x y z
N LEU A 4 15.67 -4.15 -2.53
CA LEU A 4 16.34 -4.84 -1.37
C LEU A 4 15.39 -5.86 -0.77
N LEU A 5 15.94 -6.81 -0.01
CA LEU A 5 15.13 -7.87 0.59
C LEU A 5 14.96 -7.66 2.08
N GLU A 6 13.71 -7.54 2.47
CA GLU A 6 13.32 -7.16 3.81
C GLU A 6 12.69 -8.33 4.54
N SER A 7 12.97 -8.47 5.84
CA SER A 7 12.41 -9.56 6.63
C SER A 7 12.29 -9.25 8.12
N GLY A 8 11.42 -9.99 8.79
CA GLY A 8 11.14 -9.83 10.20
C GLY A 8 9.66 -10.02 10.40
N PRO A 9 9.24 -10.33 11.64
CA PRO A 9 7.83 -10.60 11.97
C PRO A 9 6.87 -9.53 11.45
N GLY A 10 5.68 -9.95 11.01
CA GLY A 10 4.60 -9.04 10.66
C GLY A 10 3.66 -8.73 11.83
N LEU A 11 3.83 -9.45 12.93
CA LEU A 11 3.06 -9.23 14.14
C LEU A 11 3.95 -8.97 15.34
N VAL A 12 3.69 -7.88 16.08
CA VAL A 12 4.44 -7.54 17.28
C VAL A 12 3.50 -7.11 18.38
N LYS A 13 3.70 -7.66 19.58
CA LYS A 13 2.83 -7.33 20.70
C LYS A 13 3.08 -5.93 21.26
N PRO A 14 2.02 -5.27 21.74
CA PRO A 14 2.15 -3.99 22.41
C PRO A 14 3.22 -4.09 23.49
N SER A 15 4.03 -3.05 23.62
CA SER A 15 5.12 -2.95 24.60
C SER A 15 6.35 -3.77 24.21
N GLU A 16 6.24 -4.64 23.22
CA GLU A 16 7.42 -5.42 22.82
C GLU A 16 8.23 -4.71 21.74
N THR A 17 9.23 -5.40 21.18
CA THR A 17 10.19 -4.79 20.24
C THR A 17 10.03 -5.31 18.82
N LEU A 18 9.83 -4.38 17.89
CA LEU A 18 9.78 -4.69 16.46
C LEU A 18 11.22 -4.82 15.95
N SER A 19 11.54 -5.91 15.28
CA SER A 19 12.87 -6.11 14.67
C SER A 19 12.76 -6.46 13.20
N LEU A 20 13.55 -5.79 12.36
CA LEU A 20 13.54 -6.04 10.93
C LEU A 20 14.95 -5.93 10.37
N THR A 21 15.21 -6.68 9.29
CA THR A 21 16.50 -6.69 8.61
C THR A 21 16.32 -6.53 7.09
N CYS A 22 17.29 -5.87 6.47
CA CYS A 22 17.39 -5.82 5.03
C CYS A 22 18.76 -6.26 4.61
N THR A 23 18.81 -7.02 3.53
CA THR A 23 20.07 -7.38 2.92
C THR A 23 20.41 -6.32 1.88
N VAL A 24 21.67 -5.90 1.88
CA VAL A 24 22.15 -4.86 0.98
C VAL A 24 23.60 -5.16 0.72
N SER A 25 24.06 -4.94 -0.50
CA SER A 25 25.47 -5.06 -0.79
C SER A 25 26.05 -3.70 -1.16
N GLY A 26 26.49 -2.97 -0.14
CA GLY A 26 27.15 -1.68 -0.35
C GLY A 26 26.25 -0.53 0.02
N GLY A 27 26.45 0.59 -0.66
CA GLY A 27 25.69 1.82 -0.39
C GLY A 27 26.51 2.74 0.48
N SER A 28 26.04 3.95 0.70
CA SER A 28 26.73 4.85 1.61
C SER A 28 25.82 5.50 2.66
N ILE A 29 24.50 5.32 2.52
CA ILE A 29 23.54 5.78 3.53
C ILE A 29 22.45 4.72 3.64
N TRP A 30 22.07 4.39 4.87
CA TRP A 30 21.09 3.34 5.11
C TRP A 30 20.03 3.82 6.06
N GLY A 31 18.78 3.55 5.72
CA GLY A 31 17.70 4.10 6.51
C GLY A 31 16.41 3.30 6.49
N TRP A 32 15.49 3.75 7.33
CA TRP A 32 14.21 3.10 7.51
C TRP A 32 13.11 4.14 7.45
N ILE A 33 12.11 3.83 6.63
CA ILE A 33 10.97 4.72 6.46
C ILE A 33 9.70 3.91 6.68
N ARG A 34 8.69 4.50 7.31
CA ARG A 34 7.45 3.75 7.47
C ARG A 34 6.27 4.50 6.93
N GLN A 35 5.16 3.77 6.75
CA GLN A 35 3.93 4.32 6.25
C GLN A 35 2.74 3.58 6.90
N PRO A 36 2.09 4.21 7.88
CA PRO A 36 0.84 3.66 8.46
C PRO A 36 -0.27 3.58 7.41
N PRO A 37 -1.12 2.53 7.48
CA PRO A 37 -2.22 2.33 6.51
C PRO A 37 -2.93 3.62 6.10
N GLY A 38 -2.93 3.90 4.80
CA GLY A 38 -3.59 5.08 4.26
C GLY A 38 -2.93 6.41 4.57
N LYS A 39 -1.68 6.40 5.07
CA LYS A 39 -1.01 7.65 5.46
C LYS A 39 0.25 7.94 4.65
N GLY A 40 0.90 9.05 4.98
CA GLY A 40 2.12 9.42 4.28
C GLY A 40 3.36 8.72 4.80
N LEU A 41 4.48 8.99 4.13
CA LEU A 41 5.77 8.46 4.54
C LEU A 41 6.33 9.17 5.77
N GLU A 42 6.91 8.40 6.67
CA GLU A 42 7.52 8.94 7.88
C GLU A 42 8.92 8.36 8.06
N TRP A 43 9.95 9.21 7.96
CA TRP A 43 11.32 8.86 8.25
C TRP A 43 11.51 8.38 9.69
N ILE A 44 12.17 7.25 9.84
CA ILE A 44 12.52 6.70 11.15
C ILE A 44 13.96 7.04 11.58
N GLY A 45 14.91 6.83 10.69
CA GLY A 45 16.31 7.06 11.01
C GLY A 45 17.23 6.74 9.84
N SER A 46 18.43 7.31 9.88
CA SER A 46 19.49 7.05 8.87
C SER A 46 20.85 6.86 9.53
N ILE A 47 21.67 6.01 8.90
CA ILE A 47 23.09 5.87 9.20
C ILE A 47 23.93 6.17 7.95
N TYR A 48 24.94 7.01 8.13
CA TYR A 48 25.86 7.41 7.08
C TYR A 48 27.10 6.52 7.10
N SER A 49 27.82 6.47 5.99
CA SER A 49 28.99 5.60 5.89
C SER A 49 30.02 5.96 6.97
N SER A 50 30.01 7.21 7.38
CA SER A 50 30.88 7.71 8.46
C SER A 50 30.49 7.15 9.84
N GLY A 51 29.30 6.56 9.94
CA GLY A 51 28.78 6.11 11.21
C GLY A 51 27.79 7.09 11.81
N SER A 52 27.84 8.34 11.36
CA SER A 52 26.87 9.35 11.76
C SER A 52 25.46 8.82 11.63
N THR A 53 24.65 9.07 12.65
CA THR A 53 23.36 8.43 12.79
C THR A 53 22.32 9.46 13.23
N TYR A 54 21.12 9.39 12.64
CA TYR A 54 20.08 10.38 12.98
C TYR A 54 18.74 9.68 13.08
N TYR A 55 17.96 10.08 14.08
CA TYR A 55 16.63 9.49 14.31
C TYR A 55 15.54 10.56 14.31
N ASN A 56 14.34 10.14 13.94
CA ASN A 56 13.17 10.96 14.11
C ASN A 56 13.03 11.27 15.61
N PRO A 57 13.03 12.56 15.96
CA PRO A 57 12.94 12.98 17.37
C PRO A 57 11.70 12.47 18.09
N SER A 58 10.58 12.28 17.40
CA SER A 58 9.34 11.80 18.05
C SER A 58 9.45 10.33 18.42
N LEU A 59 10.49 9.67 17.92
CA LEU A 59 10.75 8.25 18.11
C LEU A 59 12.09 7.97 18.80
N LYS A 60 12.97 8.98 18.82
CA LYS A 60 14.41 8.79 19.11
C LYS A 60 14.76 7.95 20.36
N SER A 61 13.90 7.96 21.39
CA SER A 61 14.17 7.12 22.56
C SER A 61 14.03 5.60 22.29
N ARG A 62 13.28 5.24 21.25
CA ARG A 62 12.89 3.84 21.04
C ARG A 62 13.61 3.16 19.85
N VAL A 63 14.33 3.94 19.05
CA VAL A 63 14.91 3.43 17.80
C VAL A 63 16.35 2.96 17.97
N THR A 64 16.63 1.78 17.42
CA THR A 64 18.01 1.35 17.22
C THR A 64 18.15 0.91 15.78
N THR A 65 19.11 1.53 15.08
CA THR A 65 19.49 1.10 13.74
C THR A 65 20.94 0.69 13.75
N SER A 66 21.26 -0.33 12.96
CA SER A 66 22.63 -0.77 12.82
C SER A 66 22.86 -1.17 11.37
N VAL A 67 24.11 -0.99 10.92
CA VAL A 67 24.56 -1.44 9.61
C VAL A 67 25.83 -2.28 9.79
N ASP A 68 25.87 -3.44 9.13
CA ASP A 68 27.12 -4.18 8.99
C ASP A 68 27.29 -4.55 7.52
N THR A 69 28.10 -3.76 6.82
CA THR A 69 28.33 -3.93 5.38
C THR A 69 29.08 -5.22 4.99
N SER A 70 29.93 -5.73 5.90
CA SER A 70 30.62 -7.00 5.65
C SER A 70 29.66 -8.21 5.62
N LYS A 71 28.59 -8.14 6.42
CA LYS A 71 27.58 -9.20 6.43
C LYS A 71 26.35 -8.87 5.57
N ASN A 72 26.50 -7.87 4.70
CA ASN A 72 25.43 -7.45 3.78
C ASN A 72 24.08 -7.19 4.48
N GLN A 73 24.11 -6.57 5.66
CA GLN A 73 22.87 -6.36 6.38
C GLN A 73 22.76 -4.99 6.98
N PHE A 74 21.52 -4.54 7.13
CA PHE A 74 21.20 -3.45 8.03
C PHE A 74 19.87 -3.68 8.73
N SER A 75 19.78 -3.19 9.96
CA SER A 75 18.72 -3.63 10.88
C SER A 75 18.09 -2.48 11.59
N LEU A 76 16.86 -2.69 12.03
CA LEU A 76 16.10 -1.74 12.81
C LEU A 76 15.45 -2.44 13.99
N ARG A 77 15.54 -1.83 15.16
CA ARG A 77 14.74 -2.27 16.31
C ARG A 77 13.95 -1.07 16.76
N LEU A 78 12.71 -1.32 17.18
CA LEU A 78 11.85 -0.29 17.74
C LEU A 78 11.16 -0.84 18.98
N SER A 79 11.59 -0.38 20.14
CA SER A 79 11.11 -0.92 21.42
C SER A 79 9.77 -0.34 21.83
N SER A 80 9.17 -0.95 22.84
CA SER A 80 7.93 -0.44 23.45
C SER A 80 6.93 0.04 22.41
N VAL A 81 6.65 -0.82 21.44
CA VAL A 81 5.70 -0.46 20.39
C VAL A 81 4.27 -0.35 20.90
N THR A 82 3.48 0.51 20.24
CA THR A 82 2.05 0.57 20.44
C THR A 82 1.39 0.54 19.08
N ALA A 83 0.06 0.41 19.07
CA ALA A 83 -0.75 0.47 17.86
C ALA A 83 -0.33 1.62 16.94
N ALA A 84 0.19 2.70 17.53
CA ALA A 84 0.76 3.82 16.80
C ALA A 84 1.92 3.45 15.85
N ASP A 85 2.54 2.29 16.06
CA ASP A 85 3.72 1.89 15.24
C ASP A 85 3.34 0.90 14.14
N THR A 86 2.05 0.58 14.07
CA THR A 86 1.53 -0.24 12.99
C THR A 86 1.76 0.49 11.66
N ALA A 87 2.47 -0.18 10.76
CA ALA A 87 2.85 0.46 9.50
C ALA A 87 3.56 -0.51 8.55
N VAL A 88 3.58 -0.15 7.27
CA VAL A 88 4.47 -0.80 6.33
C VAL A 88 5.85 -0.16 6.52
N TYR A 89 6.86 -0.97 6.84
CA TYR A 89 8.21 -0.46 7.09
C TYR A 89 9.07 -0.72 5.88
N TYR A 90 9.79 0.30 5.42
CA TYR A 90 10.71 0.16 4.29
C TYR A 90 12.12 0.46 4.74
N CYS A 91 13.07 -0.36 4.30
CA CYS A 91 14.46 -0.03 4.42
C CYS A 91 14.88 0.60 3.10
N VAL A 92 15.86 1.49 3.18
CA VAL A 92 16.26 2.32 2.03
C VAL A 92 17.78 2.45 2.04
N ALA A 93 18.37 2.25 0.87
CA ALA A 93 19.82 2.35 0.73
C ALA A 93 20.20 3.30 -0.41
N TRP A 94 20.96 4.33 -0.07
CA TRP A 94 21.48 5.28 -1.07
C TRP A 94 22.82 4.81 -1.67
N PHE A 95 22.88 4.80 -2.99
CA PHE A 95 24.11 4.49 -3.70
C PHE A 95 24.60 5.73 -4.47
N GLY A 96 23.66 6.47 -5.05
CA GLY A 96 24.00 7.67 -5.81
C GLY A 96 24.60 7.35 -7.17
N ASP A 97 25.59 8.15 -7.57
CA ASP A 97 26.18 8.07 -8.90
C ASP A 97 27.29 7.02 -8.87
N LEU A 98 26.96 5.83 -9.33
CA LEU A 98 27.82 4.68 -9.09
C LEU A 98 28.83 4.45 -10.20
N LEU A 99 28.41 3.76 -11.25
CA LEU A 99 29.24 3.63 -12.44
C LEU A 99 28.78 4.70 -13.43
N SER A 100 28.25 4.26 -14.57
CA SER A 100 27.54 5.11 -15.51
C SER A 100 26.11 5.44 -15.02
N LEU A 101 25.69 4.83 -13.91
CA LEU A 101 24.33 5.01 -13.37
C LEU A 101 24.22 6.15 -12.35
N LYS A 102 23.10 6.85 -12.37
CA LYS A 102 22.92 8.05 -11.56
C LYS A 102 21.78 7.94 -10.55
N GLY A 103 21.97 8.62 -9.41
CA GLY A 103 20.95 8.75 -8.37
C GLY A 103 20.32 7.44 -7.93
N VAL A 104 21.14 6.42 -7.70
CA VAL A 104 20.60 5.11 -7.32
C VAL A 104 20.18 5.07 -5.85
N GLU A 105 18.90 4.78 -5.62
CA GLU A 105 18.42 4.56 -4.27
C GLU A 105 17.45 3.39 -4.29
N LEU A 106 17.82 2.35 -3.54
CA LEU A 106 17.09 1.10 -3.56
C LEU A 106 16.21 1.06 -2.36
N TRP A 107 15.01 0.52 -2.54
CA TRP A 107 14.03 0.45 -1.50
C TRP A 107 13.69 -1.02 -1.28
N GLY A 108 13.48 -1.40 -0.03
CA GLY A 108 12.89 -2.68 0.29
C GLY A 108 11.47 -2.72 -0.26
N GLN A 109 10.89 -3.92 -0.31
CA GLN A 109 9.54 -4.09 -0.84
C GLN A 109 8.50 -3.59 0.16
N GLY A 110 8.89 -3.47 1.42
CA GLY A 110 7.99 -2.99 2.44
C GLY A 110 7.40 -4.15 3.20
N THR A 111 7.47 -4.07 4.52
CA THR A 111 6.97 -5.14 5.37
C THR A 111 5.96 -4.55 6.31
N LEU A 112 4.72 -5.02 6.18
CA LEU A 112 3.64 -4.64 7.06
C LEU A 112 3.89 -5.22 8.45
N VAL A 113 3.97 -4.35 9.44
CA VAL A 113 4.07 -4.80 10.82
C VAL A 113 2.86 -4.29 11.57
N THR A 114 2.07 -5.24 12.07
CA THR A 114 0.87 -4.94 12.81
C THR A 114 1.20 -5.12 14.28
N VAL A 115 0.96 -4.08 15.07
CA VAL A 115 1.15 -4.14 16.52
C VAL A 115 -0.21 -4.53 17.12
N SER A 116 -0.26 -5.72 17.71
CA SER A 116 -1.51 -6.31 18.21
C SER A 116 -1.19 -7.40 19.22
N SER A 117 -2.06 -7.54 20.23
CA SER A 117 -1.95 -8.60 21.23
C SER A 117 -2.78 -9.82 20.83
N ALA A 118 -3.54 -9.70 19.73
CA ALA A 118 -4.29 -10.82 19.17
C ALA A 118 -3.33 -11.84 18.58
N SER A 119 -3.77 -13.11 18.54
CA SER A 119 -2.96 -14.18 18.02
C SER A 119 -2.92 -14.19 16.50
N THR A 120 -1.81 -14.69 15.97
CA THR A 120 -1.70 -14.97 14.55
C THR A 120 -2.70 -16.11 14.26
N LYS A 121 -3.44 -16.00 13.16
CA LYS A 121 -4.37 -17.06 12.80
C LYS A 121 -4.36 -17.31 11.31
N GLY A 122 -4.02 -18.54 10.93
CA GLY A 122 -3.96 -18.93 9.52
C GLY A 122 -5.34 -18.99 8.88
N PRO A 123 -5.40 -18.85 7.56
CA PRO A 123 -6.69 -18.86 6.84
C PRO A 123 -7.23 -20.25 6.58
N SER A 124 -8.55 -20.33 6.46
CA SER A 124 -9.20 -21.50 5.89
C SER A 124 -9.47 -21.15 4.44
N VAL A 125 -9.22 -22.08 3.52
CA VAL A 125 -9.38 -21.81 2.09
C VAL A 125 -10.56 -22.58 1.51
N PHE A 126 -11.48 -21.87 0.87
CA PHE A 126 -12.68 -22.49 0.31
C PHE A 126 -12.90 -22.18 -1.17
N PRO A 127 -13.41 -23.17 -1.93
CA PRO A 127 -13.60 -23.00 -3.38
C PRO A 127 -14.75 -22.07 -3.75
N LEU A 128 -14.48 -21.14 -4.66
CA LEU A 128 -15.53 -20.28 -5.22
C LEU A 128 -16.01 -20.83 -6.57
N LEU A 142 -14.23 -18.77 -11.70
CA LEU A 142 -13.93 -19.48 -10.45
C LEU A 142 -12.95 -18.72 -9.57
N GLY A 143 -12.87 -19.10 -8.30
CA GLY A 143 -11.91 -18.49 -7.40
C GLY A 143 -11.57 -19.26 -6.15
N CYS A 144 -10.87 -18.59 -5.24
CA CYS A 144 -10.55 -19.11 -3.92
C CYS A 144 -10.96 -18.09 -2.87
N LEU A 145 -11.67 -18.56 -1.83
CA LEU A 145 -12.02 -17.75 -0.66
C LEU A 145 -11.01 -17.97 0.45
N VAL A 146 -10.34 -16.89 0.85
CA VAL A 146 -9.36 -16.94 1.92
C VAL A 146 -10.00 -16.25 3.12
N LYS A 147 -10.39 -17.03 4.11
CA LYS A 147 -11.18 -16.47 5.22
C LYS A 147 -10.57 -16.60 6.61
N ASP A 148 -11.00 -15.67 7.47
CA ASP A 148 -10.70 -15.68 8.90
C ASP A 148 -9.21 -15.83 9.21
N TYR A 149 -8.41 -14.85 8.75
CA TYR A 149 -7.00 -14.86 9.08
C TYR A 149 -6.57 -13.56 9.78
N PHE A 150 -5.38 -13.60 10.38
CA PHE A 150 -4.83 -12.44 11.06
C PHE A 150 -3.34 -12.66 11.32
N PRO A 151 -2.50 -11.62 11.15
CA PRO A 151 -2.83 -10.31 10.58
C PRO A 151 -2.72 -10.35 9.04
N GLU A 152 -2.82 -9.19 8.39
CA GLU A 152 -2.45 -9.07 6.96
C GLU A 152 -0.91 -9.20 6.85
N PRO A 153 -0.40 -9.62 5.68
CA PRO A 153 -1.18 -9.86 4.49
C PRO A 153 -1.27 -11.33 4.09
N VAL A 154 -2.18 -11.59 3.16
CA VAL A 154 -2.27 -12.85 2.47
C VAL A 154 -1.87 -12.59 1.01
N THR A 155 -1.09 -13.49 0.43
CA THR A 155 -0.78 -13.43 -1.00
C THR A 155 -1.30 -14.67 -1.72
N VAL A 156 -1.70 -14.48 -2.98
CA VAL A 156 -2.26 -15.56 -3.79
C VAL A 156 -1.67 -15.64 -5.19
N SER A 157 -1.17 -16.82 -5.54
CA SER A 157 -0.77 -17.11 -6.91
C SER A 157 -1.63 -18.25 -7.43
N TRP A 158 -1.62 -18.44 -8.75
CA TRP A 158 -2.28 -19.59 -9.38
C TRP A 158 -1.23 -20.41 -10.13
N ASN A 159 -1.02 -21.64 -9.64
CA ASN A 159 -0.02 -22.57 -10.16
C ASN A 159 1.40 -22.00 -10.15
N LEU A 163 -0.15 -19.55 -14.47
CA LEU A 163 -1.36 -18.76 -14.68
C LEU A 163 -1.27 -17.42 -13.96
N THR A 164 -1.22 -16.35 -14.74
CA THR A 164 -1.13 -14.99 -14.19
C THR A 164 -2.21 -14.07 -14.78
N SER A 165 -2.58 -14.33 -16.03
CA SER A 165 -3.55 -13.51 -16.77
C SER A 165 -4.99 -13.76 -16.31
N GLY A 166 -5.78 -12.68 -16.27
CA GLY A 166 -7.17 -12.76 -15.80
C GLY A 166 -7.34 -12.95 -14.30
N VAL A 167 -6.24 -12.82 -13.55
CA VAL A 167 -6.24 -13.02 -12.09
C VAL A 167 -6.56 -11.71 -11.36
N HIS A 168 -7.58 -11.75 -10.50
CA HIS A 168 -7.90 -10.59 -9.69
C HIS A 168 -8.08 -10.92 -8.20
N THR A 169 -7.06 -10.55 -7.43
CA THR A 169 -7.08 -10.67 -5.99
C THR A 169 -7.56 -9.34 -5.36
N PHE A 170 -8.63 -9.44 -4.58
CA PHE A 170 -9.30 -8.29 -4.00
C PHE A 170 -8.71 -7.93 -2.64
N PRO A 171 -8.86 -6.65 -2.22
CA PRO A 171 -8.43 -6.31 -0.87
C PRO A 171 -9.30 -6.98 0.21
N ALA A 172 -8.66 -7.29 1.33
CA ALA A 172 -9.30 -8.00 2.42
C ALA A 172 -10.40 -7.17 3.07
N VAL A 173 -11.44 -7.85 3.53
CA VAL A 173 -12.43 -7.23 4.41
C VAL A 173 -11.94 -7.47 5.83
N LEU A 174 -12.12 -6.49 6.71
CA LEU A 174 -11.96 -6.73 8.13
C LEU A 174 -13.36 -6.97 8.73
N GLN A 175 -13.64 -8.23 9.08
CA GLN A 175 -14.95 -8.60 9.63
C GLN A 175 -15.08 -8.20 11.11
N SER A 176 -16.28 -8.31 11.65
CA SER A 176 -16.52 -7.89 13.03
C SER A 176 -15.74 -8.77 14.02
N SER A 177 -15.32 -9.94 13.55
CA SER A 177 -14.55 -10.90 14.33
C SER A 177 -13.15 -10.38 14.65
N GLY A 178 -12.75 -9.31 13.96
CA GLY A 178 -11.39 -8.80 14.05
C GLY A 178 -10.44 -9.59 13.16
N LEU A 179 -11.01 -10.43 12.30
CA LEU A 179 -10.24 -11.25 11.39
C LEU A 179 -10.54 -10.82 9.97
N TYR A 180 -9.56 -11.03 9.08
CA TYR A 180 -9.68 -10.63 7.68
C TYR A 180 -10.14 -11.80 6.83
N SER A 181 -10.76 -11.46 5.70
CA SER A 181 -11.04 -12.44 4.64
C SER A 181 -10.88 -11.75 3.30
N LEU A 182 -10.41 -12.49 2.30
CA LEU A 182 -10.37 -11.96 0.94
C LEU A 182 -10.76 -12.99 -0.13
N SER A 183 -10.94 -12.52 -1.36
CA SER A 183 -11.23 -13.40 -2.48
C SER A 183 -10.33 -13.10 -3.66
N SER A 184 -9.99 -14.18 -4.39
CA SER A 184 -9.18 -14.11 -5.60
C SER A 184 -9.94 -14.82 -6.73
N VAL A 185 -10.10 -14.14 -7.88
CA VAL A 185 -10.87 -14.67 -9.01
C VAL A 185 -10.01 -14.84 -10.26
N VAL A 186 -10.34 -15.85 -11.08
CA VAL A 186 -9.72 -15.99 -12.41
C VAL A 186 -10.79 -16.00 -13.50
N THR A 199 -5.79 -24.12 -9.49
CA THR A 199 -5.11 -24.27 -8.20
C THR A 199 -4.58 -22.93 -7.68
N CYS A 200 -5.16 -22.46 -6.58
CA CYS A 200 -4.67 -21.24 -5.91
C CYS A 200 -3.66 -21.60 -4.83
N ASN A 201 -2.60 -20.79 -4.73
CA ASN A 201 -1.56 -20.99 -3.74
C ASN A 201 -1.56 -19.80 -2.80
N VAL A 202 -2.13 -20.01 -1.62
CA VAL A 202 -2.32 -18.97 -0.62
C VAL A 202 -1.14 -19.00 0.34
N ASP A 203 -0.53 -17.85 0.54
CA ASP A 203 0.58 -17.73 1.49
C ASP A 203 0.20 -16.78 2.61
N HIS A 204 0.27 -17.26 3.84
CA HIS A 204 0.09 -16.42 5.03
C HIS A 204 1.32 -16.59 5.89
N LYS A 205 2.33 -15.80 5.58
CA LYS A 205 3.61 -15.82 6.27
C LYS A 205 3.52 -15.62 7.79
N PRO A 206 2.66 -14.68 8.27
CA PRO A 206 2.64 -14.51 9.72
C PRO A 206 2.28 -15.78 10.51
N SER A 207 1.48 -16.66 9.91
CA SER A 207 1.15 -17.94 10.55
C SER A 207 1.91 -19.13 9.93
N ASN A 208 2.82 -18.84 9.00
CA ASN A 208 3.59 -19.87 8.26
C ASN A 208 2.69 -20.93 7.59
N THR A 209 1.69 -20.45 6.85
CA THR A 209 0.68 -21.30 6.24
C THR A 209 0.67 -21.11 4.73
N LYS A 210 0.81 -22.21 4.01
CA LYS A 210 0.66 -22.24 2.57
C LYS A 210 -0.41 -23.25 2.18
N VAL A 211 -1.48 -22.77 1.55
CA VAL A 211 -2.57 -23.65 1.12
C VAL A 211 -2.69 -23.70 -0.40
N ASP A 212 -2.73 -24.91 -0.97
CA ASP A 212 -3.03 -25.10 -2.38
C ASP A 212 -4.53 -25.33 -2.62
N GLU B 3 6.25 20.35 8.33
CA GLU B 3 7.54 20.97 7.90
C GLU B 3 7.57 21.13 6.38
N LEU B 4 7.07 20.11 5.67
CA LEU B 4 6.91 20.20 4.20
C LEU B 4 5.44 20.04 3.83
N THR B 5 4.90 21.05 3.14
CA THR B 5 3.49 21.03 2.82
C THR B 5 3.29 20.77 1.33
N GLN B 6 2.42 19.81 1.03
CA GLN B 6 1.96 19.55 -0.33
C GLN B 6 0.44 19.64 -0.37
N PRO B 7 -0.11 20.10 -1.51
CA PRO B 7 -1.56 19.97 -1.67
C PRO B 7 -1.96 18.48 -1.67
N PRO B 8 -3.08 18.14 -1.02
CA PRO B 8 -3.46 16.73 -0.89
C PRO B 8 -3.72 16.05 -2.24
N SER B 9 -4.24 16.79 -3.21
CA SER B 9 -4.56 16.21 -4.50
C SER B 9 -4.24 17.15 -5.67
N ALA B 10 -3.99 16.53 -6.82
CA ALA B 10 -3.81 17.21 -8.08
C ALA B 10 -4.51 16.38 -9.14
N SER B 11 -4.80 16.98 -10.28
CA SER B 11 -5.29 16.20 -11.40
C SER B 11 -4.82 16.74 -12.74
N GLY B 12 -4.75 15.84 -13.70
CA GLY B 12 -4.42 16.21 -15.05
C GLY B 12 -5.09 15.32 -16.06
N THR B 13 -4.87 15.69 -17.32
CA THR B 13 -5.54 15.08 -18.46
C THR B 13 -4.47 14.35 -19.29
N PRO B 14 -4.78 13.14 -19.82
CA PRO B 14 -3.78 12.40 -20.61
C PRO B 14 -3.22 13.20 -21.78
N GLY B 15 -1.90 13.09 -21.98
CA GLY B 15 -1.19 13.84 -23.04
C GLY B 15 -0.76 15.23 -22.56
N GLN B 16 -1.31 15.68 -21.44
CA GLN B 16 -1.07 17.05 -20.97
C GLN B 16 -0.07 17.09 -19.80
N ARG B 17 -0.13 18.15 -19.00
CA ARG B 17 0.86 18.31 -17.91
C ARG B 17 0.20 18.57 -16.58
N VAL B 18 0.95 18.27 -15.51
CA VAL B 18 0.57 18.61 -14.16
C VAL B 18 1.79 19.10 -13.39
N THR B 19 1.54 19.93 -12.38
CA THR B 19 2.59 20.42 -11.52
C THR B 19 2.15 20.16 -10.08
N ILE B 20 3.08 19.66 -9.28
CA ILE B 20 2.83 19.36 -7.88
C ILE B 20 3.82 20.18 -7.04
N SER B 21 3.28 20.96 -6.11
CA SER B 21 4.12 21.82 -5.30
C SER B 21 4.49 21.23 -3.94
N CYS B 22 5.59 21.75 -3.40
CA CYS B 22 6.14 21.38 -2.09
C CYS B 22 6.65 22.65 -1.40
N SER B 23 6.07 22.98 -0.26
CA SER B 23 6.43 24.20 0.44
C SER B 23 7.15 23.89 1.76
N GLY B 24 8.30 24.53 1.98
CA GLY B 24 9.06 24.33 3.20
C GLY B 24 9.57 25.64 3.78
N SER B 25 10.75 25.58 4.38
CA SER B 25 11.40 26.75 4.96
C SER B 25 12.89 26.79 4.61
N SER B 26 13.58 27.77 5.18
CA SER B 26 14.99 28.02 4.88
C SER B 26 15.90 26.93 5.42
N SER B 27 15.50 26.34 6.56
CA SER B 27 16.21 25.20 7.17
C SER B 27 16.14 23.89 6.38
N ASN B 28 15.09 23.70 5.56
CA ASN B 28 15.04 22.54 4.68
C ASN B 28 15.20 22.90 3.22
N ILE B 29 14.10 23.12 2.50
CA ILE B 29 14.17 23.43 1.07
C ILE B 29 15.10 24.61 0.73
N GLY B 30 15.06 25.64 1.56
CA GLY B 30 15.90 26.83 1.37
C GLY B 30 17.40 26.56 1.32
N SER B 31 17.88 25.59 2.10
CA SER B 31 19.32 25.30 2.13
C SER B 31 19.72 23.90 1.68
N ASN B 32 18.73 23.03 1.46
CA ASN B 32 19.03 21.63 1.14
C ASN B 32 18.38 21.13 -0.15
N TYR B 33 18.94 20.07 -0.73
CA TYR B 33 18.40 19.46 -1.94
C TYR B 33 17.01 18.90 -1.75
N VAL B 34 16.21 18.97 -2.81
CA VAL B 34 14.87 18.37 -2.78
C VAL B 34 14.86 17.08 -3.58
N TYR B 35 14.09 16.12 -3.08
CA TYR B 35 13.91 14.78 -3.63
C TYR B 35 12.42 14.53 -3.82
N TRP B 36 12.09 13.81 -4.88
CA TRP B 36 10.70 13.51 -5.21
C TRP B 36 10.52 12.02 -5.39
N TYR B 37 9.38 11.52 -4.93
CA TYR B 37 9.05 10.12 -5.01
C TYR B 37 7.70 9.90 -5.64
N GLN B 38 7.62 8.85 -6.46
CA GLN B 38 6.34 8.31 -6.90
C GLN B 38 5.99 7.08 -6.09
N GLN B 39 4.74 6.99 -5.65
CA GLN B 39 4.27 5.77 -5.02
C GLN B 39 2.92 5.29 -5.55
N LEU B 40 2.96 4.20 -6.28
CA LEU B 40 1.75 3.49 -6.70
C LEU B 40 1.21 2.76 -5.50
N PRO B 41 -0.13 2.63 -5.38
CA PRO B 41 -0.73 1.98 -4.21
C PRO B 41 -0.13 0.60 -3.97
N GLY B 42 0.24 0.32 -2.73
CA GLY B 42 0.76 -1.00 -2.38
C GLY B 42 2.12 -1.33 -2.98
N THR B 43 2.86 -0.30 -3.38
CA THR B 43 4.20 -0.45 -3.94
C THR B 43 5.19 0.44 -3.18
N ALA B 44 6.47 0.08 -3.23
CA ALA B 44 7.54 0.92 -2.65
C ALA B 44 7.61 2.25 -3.38
N PRO B 45 7.86 3.35 -2.64
CA PRO B 45 8.16 4.62 -3.29
C PRO B 45 9.36 4.48 -4.24
N LYS B 46 9.33 5.24 -5.32
CA LYS B 46 10.41 5.21 -6.30
C LYS B 46 10.95 6.62 -6.48
N LEU B 47 12.27 6.76 -6.34
CA LEU B 47 12.91 8.05 -6.48
C LEU B 47 12.83 8.58 -7.91
N LEU B 48 12.30 9.79 -8.05
CA LEU B 48 12.09 10.43 -9.36
C LEU B 48 13.12 11.51 -9.67
N ILE B 49 13.45 12.27 -8.63
CA ILE B 49 14.26 13.48 -8.74
C ILE B 49 15.18 13.49 -7.51
N TYR B 50 16.46 13.80 -7.73
CA TYR B 50 17.38 14.13 -6.64
C TYR B 50 18.16 15.39 -7.00
N ARG B 51 18.81 16.00 -6.00
CA ARG B 51 19.51 17.26 -6.19
C ARG B 51 18.60 18.31 -6.88
N ASN B 52 17.36 18.43 -6.41
CA ASN B 52 16.39 19.43 -6.93
C ASN B 52 15.80 19.14 -8.31
N ASN B 53 16.66 18.77 -9.26
CA ASN B 53 16.28 18.73 -10.67
C ASN B 53 16.91 17.61 -11.51
N GLN B 54 17.57 16.65 -10.87
CA GLN B 54 18.18 15.53 -11.58
C GLN B 54 17.35 14.25 -11.53
N ARG B 55 17.35 13.49 -12.63
CA ARG B 55 16.66 12.21 -12.70
C ARG B 55 17.64 11.06 -12.48
N PRO B 56 17.32 10.12 -11.58
CA PRO B 56 18.06 8.86 -11.54
C PRO B 56 17.93 8.14 -12.88
N SER B 57 18.85 7.23 -13.19
CA SER B 57 18.76 6.41 -14.39
C SER B 57 17.45 5.61 -14.35
N GLY B 58 16.81 5.44 -15.52
CA GLY B 58 15.53 4.72 -15.56
C GLY B 58 14.27 5.49 -15.17
N VAL B 59 14.41 6.79 -14.88
CA VAL B 59 13.23 7.65 -14.68
C VAL B 59 12.93 8.39 -15.99
N PRO B 60 11.67 8.32 -16.47
CA PRO B 60 11.30 9.03 -17.73
C PRO B 60 11.56 10.54 -17.63
N ASP B 61 12.05 11.15 -18.71
CA ASP B 61 12.26 12.60 -18.69
C ASP B 61 10.94 13.39 -18.78
N ARG B 62 9.82 12.67 -18.67
CA ARG B 62 8.53 13.31 -18.46
C ARG B 62 8.49 13.94 -17.08
N PHE B 63 9.29 13.44 -16.16
CA PHE B 63 9.39 14.01 -14.82
C PHE B 63 10.51 15.03 -14.76
N SER B 64 10.21 16.20 -14.21
CA SER B 64 11.25 17.19 -13.99
C SER B 64 10.97 17.92 -12.68
N GLY B 65 12.02 18.44 -12.06
CA GLY B 65 11.90 19.16 -10.80
C GLY B 65 12.53 20.53 -10.85
N SER B 66 12.01 21.43 -10.00
CA SER B 66 12.65 22.72 -9.84
C SER B 66 12.47 23.19 -8.40
N LYS B 67 13.26 24.18 -8.02
CA LYS B 67 13.25 24.71 -6.67
C LYS B 67 13.28 26.23 -6.72
N SER B 68 12.31 26.84 -6.06
CA SER B 68 12.15 28.28 -6.11
C SER B 68 12.12 28.84 -4.67
N GLY B 69 13.29 29.26 -4.17
CA GLY B 69 13.44 29.77 -2.80
C GLY B 69 13.24 28.69 -1.76
N THR B 70 12.10 28.74 -1.09
CA THR B 70 11.74 27.71 -0.11
C THR B 70 10.58 26.79 -0.57
N SER B 71 10.26 26.87 -1.87
CA SER B 71 9.30 25.98 -2.52
C SER B 71 9.98 25.11 -3.58
N ALA B 72 9.39 23.96 -3.86
CA ALA B 72 9.87 23.11 -4.95
C ALA B 72 8.67 22.59 -5.73
N SER B 73 8.90 22.20 -6.97
CA SER B 73 7.80 21.69 -7.76
C SER B 73 8.23 20.52 -8.61
N LEU B 74 7.36 19.52 -8.66
CA LEU B 74 7.54 18.44 -9.60
C LEU B 74 6.61 18.61 -10.79
N ALA B 75 7.17 18.50 -12.00
CA ALA B 75 6.41 18.63 -13.23
C ALA B 75 6.33 17.28 -13.91
N ILE B 76 5.14 16.91 -14.39
CA ILE B 76 5.03 15.68 -15.17
C ILE B 76 4.39 16.02 -16.52
N SER B 77 5.06 15.65 -17.60
CA SER B 77 4.54 15.92 -18.94
C SER B 77 4.13 14.61 -19.60
N GLY B 78 3.43 14.72 -20.73
CA GLY B 78 2.94 13.58 -21.48
C GLY B 78 2.14 12.62 -20.61
N LEU B 79 1.21 13.16 -19.83
CA LEU B 79 0.58 12.36 -18.76
C LEU B 79 -0.08 11.09 -19.24
N ARG B 80 0.01 10.03 -18.43
CA ARG B 80 -0.66 8.79 -18.73
C ARG B 80 -1.48 8.34 -17.54
N SER B 81 -2.49 7.50 -17.80
CA SER B 81 -3.28 6.89 -16.72
C SER B 81 -2.41 6.18 -15.68
N GLU B 82 -1.34 5.52 -16.12
CA GLU B 82 -0.40 4.89 -15.19
C GLU B 82 0.35 5.84 -14.24
N ASP B 83 0.29 7.16 -14.49
CA ASP B 83 0.88 8.16 -13.58
C ASP B 83 0.09 8.38 -12.30
N GLU B 84 -1.16 7.93 -12.32
CA GLU B 84 -2.05 8.09 -11.17
C GLU B 84 -1.41 7.40 -9.96
N ALA B 85 -1.06 8.18 -8.94
CA ALA B 85 -0.23 7.71 -7.83
C ALA B 85 -0.17 8.76 -6.73
N ASP B 86 0.49 8.42 -5.63
CA ASP B 86 0.88 9.43 -4.66
C ASP B 86 2.32 9.91 -4.92
N TYR B 87 2.53 11.22 -4.80
CA TYR B 87 3.82 11.84 -4.99
C TYR B 87 4.27 12.57 -3.74
N TYR B 88 5.52 12.34 -3.37
CA TYR B 88 6.09 12.89 -2.14
C TYR B 88 7.36 13.71 -2.41
N CYS B 89 7.45 14.87 -1.78
CA CYS B 89 8.71 15.58 -1.71
C CYS B 89 9.41 15.25 -0.40
N ALA B 90 10.74 15.35 -0.42
CA ALA B 90 11.55 15.18 0.81
C ALA B 90 12.82 16.01 0.75
N ALA B 91 13.36 16.32 1.92
CA ALA B 91 14.56 17.13 2.10
C ALA B 91 15.10 16.97 3.53
N TRP B 92 16.39 17.22 3.70
CA TRP B 92 17.03 17.28 5.00
C TRP B 92 16.65 18.62 5.65
N ASP B 93 16.42 18.59 6.95
CA ASP B 93 16.16 19.81 7.68
C ASP B 93 17.31 20.07 8.62
N ASP B 94 18.05 21.15 8.38
CA ASP B 94 19.23 21.53 9.15
C ASP B 94 18.94 21.77 10.64
N SER B 95 17.71 22.19 10.95
CA SER B 95 17.36 22.55 12.32
C SER B 95 16.85 21.38 13.16
N LEU B 96 16.21 20.40 12.51
CA LEU B 96 15.83 19.16 13.20
C LEU B 96 16.90 18.08 13.05
N SER B 97 17.89 18.33 12.20
CA SER B 97 18.82 17.30 11.74
C SER B 97 18.06 16.03 11.39
N ALA B 98 17.14 16.14 10.43
CA ALA B 98 16.19 15.08 10.15
C ALA B 98 15.76 15.12 8.71
N TRP B 99 15.49 13.94 8.16
CA TRP B 99 14.86 13.82 6.85
C TRP B 99 13.36 14.03 7.03
N VAL B 100 12.82 15.04 6.36
CA VAL B 100 11.40 15.30 6.41
C VAL B 100 10.73 15.06 5.05
N PHE B 101 9.51 14.51 5.10
CA PHE B 101 8.69 14.24 3.93
C PHE B 101 7.48 15.15 3.90
N GLY B 102 7.06 15.51 2.69
CA GLY B 102 5.76 16.18 2.51
C GLY B 102 4.63 15.21 2.80
N GLY B 103 3.44 15.73 3.04
CA GLY B 103 2.31 14.85 3.35
C GLY B 103 1.85 14.07 2.12
N GLY B 104 2.39 14.40 0.94
CA GLY B 104 2.01 13.69 -0.27
C GLY B 104 0.83 14.27 -1.03
N THR B 105 0.88 14.13 -2.35
CA THR B 105 -0.17 14.57 -3.27
C THR B 105 -0.67 13.39 -4.08
N GLN B 106 -1.97 13.18 -4.05
CA GLN B 106 -2.60 12.12 -4.83
C GLN B 106 -2.94 12.66 -6.20
N LEU B 107 -2.33 12.08 -7.23
CA LEU B 107 -2.57 12.53 -8.59
C LEU B 107 -3.64 11.65 -9.23
N ASP B 108 -4.73 12.28 -9.67
CA ASP B 108 -5.76 11.59 -10.41
C ASP B 108 -5.64 11.97 -11.88
N ILE B 109 -5.83 11.00 -12.75
CA ILE B 109 -5.78 11.25 -14.19
C ILE B 109 -7.21 11.23 -14.72
N LEU B 110 -7.63 12.34 -15.32
CA LEU B 110 -9.01 12.53 -15.75
C LEU B 110 -9.29 11.98 -17.14
N GLY B 111 -10.56 12.03 -17.53
CA GLY B 111 -10.98 11.62 -18.87
C GLY B 111 -11.25 10.13 -18.99
N GLN B 112 -11.45 9.46 -17.86
CA GLN B 112 -11.92 8.09 -17.86
C GLN B 112 -13.44 8.07 -18.08
N PRO B 113 -13.91 7.27 -19.06
CA PRO B 113 -15.36 7.10 -19.24
C PRO B 113 -16.00 6.36 -18.07
N LYS B 114 -17.31 6.59 -17.86
CA LYS B 114 -18.02 5.87 -16.81
C LYS B 114 -18.16 4.39 -17.16
N ALA B 115 -18.05 3.53 -16.16
CA ALA B 115 -18.03 2.09 -16.38
C ALA B 115 -18.87 1.35 -15.35
N ALA B 116 -19.85 0.59 -15.84
CA ALA B 116 -20.71 -0.25 -15.01
C ALA B 116 -19.91 -1.39 -14.39
N PRO B 117 -20.18 -1.74 -13.12
CA PRO B 117 -19.40 -2.76 -12.45
C PRO B 117 -19.65 -4.19 -12.97
N SER B 118 -18.58 -4.96 -13.00
CA SER B 118 -18.64 -6.40 -13.23
C SER B 118 -18.95 -7.06 -11.88
N VAL B 119 -20.05 -7.82 -11.81
CA VAL B 119 -20.49 -8.38 -10.51
C VAL B 119 -20.57 -9.91 -10.53
N THR B 120 -19.93 -10.55 -9.55
CA THR B 120 -19.87 -12.01 -9.49
C THR B 120 -20.23 -12.52 -8.10
N LEU B 121 -21.36 -13.23 -8.01
CA LEU B 121 -21.84 -13.77 -6.75
C LEU B 121 -21.59 -15.27 -6.60
N PHE B 122 -20.80 -15.64 -5.60
CA PHE B 122 -20.53 -17.04 -5.30
C PHE B 122 -21.37 -17.55 -4.14
N PRO B 123 -21.88 -18.79 -4.25
CA PRO B 123 -22.56 -19.43 -3.12
C PRO B 123 -21.51 -19.97 -2.12
N PRO B 124 -21.94 -20.40 -0.91
CA PRO B 124 -20.96 -21.13 -0.09
C PRO B 124 -20.68 -22.52 -0.67
N SER B 125 -19.41 -22.91 -0.68
CA SER B 125 -19.00 -24.25 -1.11
C SER B 125 -19.61 -25.32 -0.19
N SER B 126 -19.80 -26.52 -0.74
CA SER B 126 -20.48 -27.63 -0.05
C SER B 126 -20.00 -27.93 1.37
N ALA B 134 -21.25 -21.12 6.35
CA ALA B 134 -21.74 -20.59 5.07
C ALA B 134 -21.41 -19.10 4.86
N THR B 135 -20.63 -18.80 3.82
CA THR B 135 -20.34 -17.40 3.47
C THR B 135 -20.59 -17.09 1.99
N LEU B 136 -21.38 -16.04 1.75
CA LEU B 136 -21.68 -15.58 0.39
C LEU B 136 -20.74 -14.46 -0.04
N VAL B 137 -20.15 -14.60 -1.22
CA VAL B 137 -19.07 -13.70 -1.66
C VAL B 137 -19.45 -12.97 -2.94
N CYS B 138 -19.69 -11.66 -2.80
CA CYS B 138 -20.05 -10.80 -3.92
C CYS B 138 -18.87 -9.91 -4.35
N LEU B 139 -18.35 -10.16 -5.54
CA LEU B 139 -17.19 -9.43 -6.06
C LEU B 139 -17.61 -8.43 -7.14
N ILE B 140 -17.20 -7.19 -6.95
CA ILE B 140 -17.61 -6.07 -7.77
C ILE B 140 -16.32 -5.49 -8.33
N SER B 141 -16.16 -5.49 -9.65
CA SER B 141 -14.90 -5.07 -10.26
C SER B 141 -15.09 -4.09 -11.41
N ASP B 142 -13.98 -3.49 -11.84
CA ASP B 142 -13.90 -2.61 -13.02
C ASP B 142 -14.96 -1.50 -13.13
N PHE B 143 -15.20 -0.77 -12.04
CA PHE B 143 -16.15 0.37 -12.10
C PHE B 143 -15.50 1.74 -11.95
N TYR B 144 -16.06 2.72 -12.66
CA TYR B 144 -15.62 4.11 -12.56
C TYR B 144 -16.82 5.07 -12.69
N PRO B 145 -16.96 6.02 -11.73
CA PRO B 145 -16.03 6.32 -10.63
C PRO B 145 -16.13 5.33 -9.46
N GLY B 146 -15.37 5.58 -8.40
CA GLY B 146 -15.22 4.62 -7.33
C GLY B 146 -16.17 4.73 -6.16
N ALA B 147 -17.47 4.67 -6.46
CA ALA B 147 -18.50 4.57 -5.43
C ALA B 147 -19.51 3.50 -5.83
N VAL B 148 -19.89 2.66 -4.87
CA VAL B 148 -20.91 1.63 -5.07
C VAL B 148 -21.78 1.50 -3.83
N THR B 149 -23.07 1.33 -4.07
CA THR B 149 -24.04 1.04 -3.02
C THR B 149 -24.40 -0.44 -3.11
N VAL B 150 -24.19 -1.18 -2.03
CA VAL B 150 -24.47 -2.63 -2.02
C VAL B 150 -25.62 -3.00 -1.09
N ALA B 151 -26.50 -3.89 -1.56
CA ALA B 151 -27.67 -4.31 -0.80
C ALA B 151 -27.96 -5.79 -1.00
N TRP B 152 -28.29 -6.47 0.10
CA TRP B 152 -28.54 -7.90 0.07
C TRP B 152 -30.01 -8.27 0.27
N LYS B 153 -30.44 -9.31 -0.45
CA LYS B 153 -31.79 -9.85 -0.35
C LYS B 153 -31.77 -11.31 0.10
N ALA B 154 -32.71 -11.66 0.98
CA ALA B 154 -32.97 -13.05 1.34
C ALA B 154 -34.35 -13.39 0.80
N ASP B 155 -34.38 -14.24 -0.22
CA ASP B 155 -35.53 -14.35 -1.12
C ASP B 155 -35.79 -12.95 -1.69
N SER B 156 -36.86 -12.31 -1.22
CA SER B 156 -37.19 -10.95 -1.65
C SER B 156 -36.93 -9.88 -0.59
N SER B 157 -36.84 -10.29 0.68
CA SER B 157 -36.64 -9.36 1.81
C SER B 157 -35.19 -8.92 1.96
N PRO B 158 -34.96 -7.61 2.24
CA PRO B 158 -33.61 -7.11 2.53
C PRO B 158 -33.02 -7.67 3.84
N GLY B 162 -25.71 -9.61 8.88
CA GLY B 162 -24.33 -10.09 8.82
C GLY B 162 -23.58 -9.63 7.58
N VAL B 163 -23.87 -8.41 7.13
CA VAL B 163 -23.20 -7.85 5.96
C VAL B 163 -21.95 -7.05 6.35
N GLU B 164 -20.85 -7.35 5.65
CA GLU B 164 -19.59 -6.62 5.76
C GLU B 164 -19.13 -6.32 4.35
N THR B 165 -19.01 -5.04 4.03
CA THR B 165 -18.64 -4.62 2.68
C THR B 165 -17.42 -3.72 2.74
N THR B 166 -16.41 -4.06 1.95
CA THR B 166 -15.17 -3.29 1.87
C THR B 166 -15.42 -1.90 1.31
N THR B 167 -14.64 -0.93 1.78
CA THR B 167 -14.55 0.35 1.09
C THR B 167 -14.05 0.10 -0.34
N PRO B 168 -14.58 0.85 -1.32
CA PRO B 168 -14.03 0.80 -2.67
C PRO B 168 -12.54 1.09 -2.65
N SER B 169 -11.81 0.54 -3.60
CA SER B 169 -10.39 0.87 -3.75
C SER B 169 -9.92 0.72 -5.18
N LYS B 170 -8.90 1.50 -5.51
CA LYS B 170 -8.33 1.59 -6.85
C LYS B 170 -7.66 0.28 -7.25
N GLN B 171 -8.00 -0.21 -8.45
CA GLN B 171 -7.27 -1.32 -9.07
C GLN B 171 -6.07 -0.78 -9.82
N SER B 172 -5.30 -1.68 -10.41
CA SER B 172 -4.11 -1.29 -11.18
C SER B 172 -4.46 -0.59 -12.51
N ASN B 173 -5.58 -0.96 -13.12
CA ASN B 173 -6.09 -0.30 -14.34
C ASN B 173 -6.87 1.00 -14.03
N ASN B 174 -6.67 1.49 -12.80
CA ASN B 174 -7.26 2.73 -12.28
C ASN B 174 -8.79 2.78 -12.19
N LYS B 175 -9.43 1.65 -12.48
CA LYS B 175 -10.84 1.45 -12.16
C LYS B 175 -10.96 0.99 -10.70
N TYR B 176 -12.17 0.64 -10.25
CA TYR B 176 -12.36 0.36 -8.82
C TYR B 176 -12.92 -1.04 -8.51
N ALA B 177 -12.61 -1.51 -7.30
CA ALA B 177 -13.08 -2.81 -6.84
C ALA B 177 -13.66 -2.73 -5.42
N ALA B 178 -14.52 -3.68 -5.11
CA ALA B 178 -15.09 -3.82 -3.77
C ALA B 178 -15.62 -5.24 -3.64
N SER B 179 -15.63 -5.73 -2.41
CA SER B 179 -16.22 -7.02 -2.14
C SER B 179 -17.19 -6.92 -0.96
N SER B 180 -18.31 -7.60 -1.08
CA SER B 180 -19.28 -7.66 -0.01
C SER B 180 -19.43 -9.11 0.42
N TYR B 181 -19.50 -9.30 1.72
CA TYR B 181 -19.58 -10.62 2.31
C TYR B 181 -20.83 -10.77 3.16
N LEU B 182 -21.46 -11.94 3.06
CA LEU B 182 -22.59 -12.28 3.91
C LEU B 182 -22.36 -13.59 4.67
N SER B 183 -22.22 -13.49 5.99
CA SER B 183 -22.04 -14.64 6.85
C SER B 183 -23.39 -15.17 7.25
N LEU B 184 -23.60 -16.46 6.99
CA LEU B 184 -24.80 -17.11 7.45
C LEU B 184 -24.43 -18.43 8.13
N THR B 185 -25.39 -18.99 8.85
CA THR B 185 -25.27 -20.35 9.34
C THR B 185 -25.75 -21.26 8.22
N PRO B 186 -25.23 -22.49 8.13
CA PRO B 186 -25.71 -23.43 7.12
C PRO B 186 -27.24 -23.61 7.07
N GLU B 187 -27.90 -23.53 8.23
CA GLU B 187 -29.36 -23.64 8.32
C GLU B 187 -30.10 -22.43 7.73
N GLN B 188 -29.51 -21.24 7.87
CA GLN B 188 -30.06 -20.01 7.29
C GLN B 188 -30.06 -20.04 5.76
N TRP B 189 -28.98 -20.55 5.19
CA TRP B 189 -28.78 -20.67 3.72
C TRP B 189 -29.76 -21.68 3.10
N LYS B 190 -30.01 -22.77 3.81
CA LYS B 190 -30.88 -23.85 3.33
C LYS B 190 -32.37 -23.49 3.30
N SER B 191 -32.78 -22.54 4.16
CA SER B 191 -34.20 -22.22 4.35
C SER B 191 -34.70 -21.07 3.48
N HIS B 192 -33.98 -20.80 2.39
CA HIS B 192 -34.38 -19.79 1.41
C HIS B 192 -34.26 -20.32 -0.01
N ARG B 193 -35.14 -19.85 -0.89
CA ARG B 193 -35.11 -20.23 -2.30
C ARG B 193 -33.89 -19.62 -3.01
N SER B 194 -33.52 -18.42 -2.58
CA SER B 194 -32.34 -17.75 -3.13
C SER B 194 -31.83 -16.62 -2.23
N TYR B 195 -30.62 -16.15 -2.56
CA TYR B 195 -30.02 -14.98 -1.94
C TYR B 195 -29.51 -14.06 -3.06
N SER B 196 -29.52 -12.75 -2.81
CA SER B 196 -29.16 -11.78 -3.84
C SER B 196 -28.19 -10.69 -3.40
N CYS B 197 -27.20 -10.44 -4.26
CA CYS B 197 -26.32 -9.29 -4.16
C CYS B 197 -26.79 -8.25 -5.18
N GLN B 198 -27.28 -7.11 -4.69
CA GLN B 198 -27.66 -5.99 -5.55
C GLN B 198 -26.64 -4.87 -5.43
N VAL B 199 -26.07 -4.50 -6.57
CA VAL B 199 -25.00 -3.49 -6.64
C VAL B 199 -25.45 -2.26 -7.42
N THR B 200 -25.55 -1.13 -6.71
CA THR B 200 -25.95 0.13 -7.32
C THR B 200 -24.74 1.02 -7.60
N HIS B 201 -24.61 1.43 -8.86
CA HIS B 201 -23.55 2.36 -9.28
C HIS B 201 -24.13 3.39 -10.24
N GLU B 202 -24.04 4.66 -9.87
CA GLU B 202 -24.61 5.77 -10.66
C GLU B 202 -26.08 5.53 -11.00
N GLY B 203 -26.85 5.12 -10.00
CA GLY B 203 -28.30 4.88 -10.15
C GLY B 203 -28.66 3.72 -11.06
N SER B 204 -27.70 2.84 -11.29
CA SER B 204 -27.88 1.66 -12.12
C SER B 204 -27.60 0.43 -11.27
N THR B 205 -28.62 -0.39 -11.06
CA THR B 205 -28.50 -1.54 -10.18
C THR B 205 -28.51 -2.86 -10.94
N VAL B 206 -27.48 -3.67 -10.72
CA VAL B 206 -27.46 -5.05 -11.19
C VAL B 206 -27.60 -6.02 -10.02
N GLU B 207 -28.52 -6.96 -10.17
CA GLU B 207 -28.71 -8.02 -9.18
C GLU B 207 -28.05 -9.30 -9.66
N LYS B 208 -27.32 -9.95 -8.77
CA LYS B 208 -26.89 -11.33 -9.00
C LYS B 208 -27.55 -12.23 -7.96
N THR B 209 -27.85 -13.46 -8.35
CA THR B 209 -28.59 -14.40 -7.51
C THR B 209 -27.96 -15.79 -7.50
N VAL B 210 -27.96 -16.43 -6.33
CA VAL B 210 -27.55 -17.82 -6.16
C VAL B 210 -28.63 -18.59 -5.41
N ALA B 211 -28.68 -19.91 -5.59
CA ALA B 211 -29.76 -20.71 -5.02
C ALA B 211 -29.28 -21.97 -4.31
N PRO B 212 -29.77 -22.21 -3.08
CA PRO B 212 -29.53 -23.44 -2.31
C PRO B 212 -30.21 -24.64 -2.94
#